data_1TSJ
#
_entry.id   1TSJ
#
_cell.length_a   83.847
_cell.length_b   83.847
_cell.length_c   36.520
_cell.angle_alpha   90.00
_cell.angle_beta   90.00
_cell.angle_gamma   120.00
#
_symmetry.space_group_name_H-M   'P 64'
#
loop_
_entity.id
_entity.type
_entity.pdbx_description
1 polymer 'conserved hypothetical protein'
2 water water
#
_entity_poly.entity_id   1
_entity_poly.type   'polypeptide(L)'
_entity_poly.pdbx_seq_one_letter_code
;MDIPKITTFL(MSE)FNNQAEEAVKLYTSLFEDSEIIT(MSE)AKYGENGPGDPGTVQHSIFTLNGQVF(MSE)AIDANS
GTELPISLFVTVKDTIE(MSE)ERLFNGLKDEGAIL(MSE)PKTN(MSE)PPYREFAWVQDKFGVSFQLALPEEGGSHHH
HHH
;
_entity_poly.pdbx_strand_id   A
#
# COMPACT_ATOMS: atom_id res chain seq x y z
N MET A 1 -3.35 -16.10 -0.94
CA MET A 1 -3.20 -14.69 -0.40
C MET A 1 -1.87 -14.07 -0.93
N ASP A 2 -1.78 -14.02 -2.23
CA ASP A 2 -0.50 -13.60 -2.77
C ASP A 2 -0.66 -12.28 -3.50
N ILE A 3 0.15 -11.32 -3.08
CA ILE A 3 -0.13 -9.95 -3.41
C ILE A 3 0.82 -9.68 -4.51
N PRO A 4 0.41 -8.88 -5.51
CA PRO A 4 1.29 -8.56 -6.58
C PRO A 4 2.50 -7.71 -6.16
N LYS A 5 3.58 -7.79 -6.97
CA LYS A 5 4.80 -6.98 -6.77
C LYS A 5 4.39 -5.56 -6.60
N ILE A 6 3.38 -5.07 -7.35
CA ILE A 6 2.84 -3.68 -7.26
C ILE A 6 1.34 -3.69 -7.03
N THR A 7 0.91 -3.19 -5.88
CA THR A 7 -0.45 -3.15 -5.47
C THR A 7 -0.93 -1.72 -5.49
N THR A 8 -2.11 -1.42 -6.08
CA THR A 8 -2.65 -0.05 -6.01
C THR A 8 -3.19 0.06 -4.60
N PHE A 9 -2.85 1.17 -3.98
CA PHE A 9 -3.02 1.40 -2.60
C PHE A 9 -3.90 2.66 -2.43
N LEU A 10 -5.05 2.44 -1.85
CA LEU A 10 -5.96 3.54 -1.66
C LEU A 10 -6.01 3.95 -0.21
N MSE A 11 -5.92 5.24 -0.03
CA MSE A 11 -5.90 5.84 1.30
C MSE A 11 -7.07 6.72 1.39
O MSE A 11 -7.22 7.52 0.51
CB MSE A 11 -4.68 6.69 1.46
CG MSE A 11 -3.46 5.84 1.84
SE MSE A 11 -1.82 6.99 2.45
CE MSE A 11 -2.90 8.10 4.03
N PHE A 12 -7.89 6.54 2.41
CA PHE A 12 -9.12 7.38 2.62
C PHE A 12 -9.08 8.18 3.94
N ASN A 13 -10.10 9.03 4.11
CA ASN A 13 -10.12 9.86 5.29
C ASN A 13 -10.42 9.08 6.52
N ASN A 14 -11.67 8.71 6.66
CA ASN A 14 -11.96 7.61 7.54
C ASN A 14 -13.10 6.97 6.87
N GLN A 15 -12.82 6.53 5.67
CA GLN A 15 -13.86 6.08 4.81
C GLN A 15 -13.52 4.77 4.11
N ALA A 16 -12.56 4.07 4.65
CA ALA A 16 -12.07 2.92 3.93
C ALA A 16 -13.06 1.78 3.99
N GLU A 17 -13.62 1.49 5.15
CA GLU A 17 -14.59 0.39 5.24
C GLU A 17 -15.79 0.56 4.31
N GLU A 18 -16.32 1.74 4.24
CA GLU A 18 -17.31 2.09 3.23
C GLU A 18 -16.83 1.98 1.74
N ALA A 19 -15.67 2.61 1.39
CA ALA A 19 -15.11 2.56 0.05
C ALA A 19 -14.95 1.12 -0.35
N VAL A 20 -14.20 0.36 0.44
CA VAL A 20 -14.09 -1.09 0.21
C VAL A 20 -15.42 -1.78 -0.03
N LYS A 21 -16.39 -1.52 0.87
CA LYS A 21 -17.75 -2.15 0.87
C LYS A 21 -18.46 -1.87 -0.41
N LEU A 22 -18.18 -0.67 -0.88
CA LEU A 22 -18.74 -0.15 -2.12
C LEU A 22 -18.17 -0.80 -3.34
N TYR A 23 -16.86 -0.95 -3.36
CA TYR A 23 -16.30 -1.47 -4.60
C TYR A 23 -16.46 -3.01 -4.71
N THR A 24 -16.23 -3.63 -3.59
CA THR A 24 -16.43 -5.08 -3.39
C THR A 24 -17.84 -5.49 -3.89
N SER A 25 -18.85 -4.69 -3.54
CA SER A 25 -20.30 -4.92 -3.85
C SER A 25 -20.60 -4.79 -5.35
N LEU A 26 -20.04 -3.78 -5.98
CA LEU A 26 -20.19 -3.61 -7.45
C LEU A 26 -19.50 -4.52 -8.39
N PHE A 27 -18.26 -4.79 -8.10
CA PHE A 27 -17.39 -5.52 -9.04
C PHE A 27 -17.57 -6.94 -8.68
N GLU A 28 -17.39 -7.78 -9.67
CA GLU A 28 -17.77 -9.09 -9.59
C GLU A 28 -16.86 -9.86 -8.75
N ASP A 29 -15.78 -10.37 -9.27
CA ASP A 29 -15.15 -11.52 -8.56
C ASP A 29 -14.36 -10.95 -7.40
N SER A 30 -15.02 -10.36 -6.43
CA SER A 30 -14.32 -9.53 -5.50
C SER A 30 -14.71 -9.83 -4.03
N GLU A 31 -13.90 -9.50 -3.05
CA GLU A 31 -14.04 -10.00 -1.72
C GLU A 31 -13.10 -9.26 -0.77
N ILE A 32 -13.56 -8.95 0.43
CA ILE A 32 -12.67 -8.45 1.41
C ILE A 32 -11.83 -9.60 1.98
N ILE A 33 -10.50 -9.61 1.73
CA ILE A 33 -9.77 -10.63 2.33
C ILE A 33 -9.21 -10.29 3.74
N THR A 34 -9.07 -9.05 4.15
CA THR A 34 -8.36 -8.69 5.40
C THR A 34 -8.81 -7.28 5.67
N MSE A 35 -9.34 -7.10 6.88
CA MSE A 35 -9.50 -5.85 7.45
C MSE A 35 -9.04 -5.78 8.86
O MSE A 35 -9.53 -6.56 9.69
CB MSE A 35 -10.95 -5.56 7.48
CG MSE A 35 -11.39 -4.85 6.34
SE MSE A 35 -12.51 -3.34 6.78
CE MSE A 35 -12.69 -2.68 4.82
N ALA A 36 -8.22 -4.79 9.19
CA ALA A 36 -7.81 -4.57 10.54
C ALA A 36 -8.09 -3.15 10.87
N LYS A 37 -8.81 -2.92 11.97
CA LYS A 37 -9.12 -1.58 12.47
C LYS A 37 -8.15 -1.11 13.53
N TYR A 38 -8.12 0.19 13.75
CA TYR A 38 -7.40 0.71 14.91
C TYR A 38 -8.09 0.54 16.27
N GLY A 39 -7.31 0.05 17.26
CA GLY A 39 -7.77 -0.24 18.66
C GLY A 39 -8.24 1.02 19.41
N ASP A 45 -7.06 6.60 14.98
CA ASP A 45 -8.56 6.78 15.12
C ASP A 45 -9.23 5.41 15.11
N PRO A 46 -9.94 5.15 16.18
CA PRO A 46 -10.40 3.75 16.43
C PRO A 46 -11.54 3.41 15.57
N GLY A 47 -11.60 2.18 15.09
CA GLY A 47 -12.71 1.81 14.22
C GLY A 47 -12.32 2.09 12.77
N THR A 48 -11.33 2.95 12.59
CA THR A 48 -10.72 3.10 11.29
C THR A 48 -9.90 1.94 10.75
N VAL A 49 -9.77 1.83 9.41
CA VAL A 49 -9.01 0.72 8.81
C VAL A 49 -7.53 0.99 8.95
N GLN A 50 -6.80 0.01 9.40
CA GLN A 50 -5.37 0.08 9.48
C GLN A 50 -4.84 -0.66 8.32
N HIS A 51 -5.50 -1.74 8.01
CA HIS A 51 -4.97 -2.52 6.96
C HIS A 51 -6.17 -3.25 6.33
N SER A 52 -6.39 -3.12 5.00
CA SER A 52 -7.35 -3.93 4.22
C SER A 52 -6.67 -4.45 2.97
N ILE A 53 -6.98 -5.68 2.64
CA ILE A 53 -6.64 -6.26 1.40
C ILE A 53 -7.92 -6.84 0.83
N PHE A 54 -8.27 -6.42 -0.36
CA PHE A 54 -9.48 -6.85 -0.99
C PHE A 54 -9.21 -7.19 -2.43
N THR A 55 -10.14 -7.87 -3.01
CA THR A 55 -10.17 -8.23 -4.43
C THR A 55 -11.22 -7.45 -5.21
N LEU A 56 -10.96 -7.16 -6.50
CA LEU A 56 -11.93 -6.62 -7.45
C LEU A 56 -11.57 -7.34 -8.72
N ASN A 57 -12.48 -8.15 -9.23
CA ASN A 57 -12.24 -9.00 -10.37
C ASN A 57 -11.08 -9.86 -10.20
N GLY A 58 -10.88 -10.36 -9.03
CA GLY A 58 -9.72 -11.21 -8.73
C GLY A 58 -8.39 -10.48 -8.62
N GLN A 59 -8.44 -9.18 -8.63
CA GLN A 59 -7.21 -8.40 -8.51
C GLN A 59 -7.16 -7.79 -7.16
N VAL A 60 -5.98 -7.92 -6.59
CA VAL A 60 -5.61 -7.38 -5.22
C VAL A 60 -5.30 -5.92 -5.08
N PHE A 61 -6.09 -5.30 -4.21
CA PHE A 61 -5.99 -3.96 -3.87
C PHE A 61 -5.75 -3.85 -2.38
N MSE A 62 -5.41 -2.70 -1.91
CA MSE A 62 -5.31 -2.46 -0.52
C MSE A 62 -5.91 -1.10 -0.25
O MSE A 62 -5.84 -0.21 -1.07
CB MSE A 62 -3.88 -2.36 -0.10
CG MSE A 62 -3.14 -3.62 -0.19
SE MSE A 62 -1.17 -3.28 0.24
CE MSE A 62 -0.38 -5.24 -0.26
N ALA A 63 -6.47 -0.94 0.94
CA ALA A 63 -6.95 0.38 1.34
C ALA A 63 -6.61 0.58 2.85
N ILE A 64 -6.35 1.82 3.27
CA ILE A 64 -6.36 2.14 4.65
C ILE A 64 -7.05 3.45 5.04
N ASP A 65 -7.22 3.63 6.34
CA ASP A 65 -7.88 4.79 6.98
C ASP A 65 -9.50 4.72 6.97
N PRO A 73 -1.53 8.88 -1.16
CA PRO A 73 -2.90 9.38 -1.62
C PRO A 73 -3.73 8.15 -2.29
N ILE A 74 -3.23 7.67 -3.42
CA ILE A 74 -3.76 6.47 -4.00
C ILE A 74 -2.55 5.77 -4.63
N SER A 75 -1.44 5.75 -3.90
CA SER A 75 -0.17 5.14 -4.25
C SER A 75 0.00 3.74 -4.80
N LEU A 76 1.27 3.41 -5.05
CA LEU A 76 1.67 2.06 -5.49
C LEU A 76 2.51 1.43 -4.46
N PHE A 77 2.12 0.29 -4.05
CA PHE A 77 2.67 -0.31 -2.93
C PHE A 77 3.46 -1.48 -3.52
N VAL A 78 4.78 -1.28 -3.41
CA VAL A 78 5.73 -2.20 -3.90
C VAL A 78 6.36 -3.08 -2.78
N THR A 79 6.02 -4.34 -2.91
CA THR A 79 6.71 -5.42 -2.25
C THR A 79 8.08 -5.80 -2.91
N VAL A 80 9.11 -5.40 -2.19
CA VAL A 80 10.49 -5.47 -2.59
C VAL A 80 11.02 -6.89 -2.22
N LYS A 81 11.88 -7.42 -3.15
CA LYS A 81 12.56 -8.80 -3.02
C LYS A 81 13.75 -8.79 -2.05
N ASP A 82 14.44 -7.67 -1.84
CA ASP A 82 15.78 -7.69 -1.30
C ASP A 82 16.06 -6.30 -0.82
N THR A 83 17.08 -6.22 0.06
CA THR A 83 17.78 -4.95 0.47
C THR A 83 18.23 -4.20 -0.74
N ILE A 84 18.70 -4.97 -1.71
CA ILE A 84 19.21 -4.43 -2.97
C ILE A 84 18.18 -3.80 -3.98
N GLU A 85 17.04 -4.53 -4.26
CA GLU A 85 15.76 -4.02 -4.84
C GLU A 85 15.38 -2.73 -4.13
N MSE A 86 15.24 -2.73 -2.83
CA MSE A 86 15.08 -1.43 -2.12
C MSE A 86 15.97 -0.29 -2.43
O MSE A 86 15.50 0.85 -2.57
CB MSE A 86 15.23 -1.54 -0.60
CG MSE A 86 13.96 -1.95 0.10
SE MSE A 86 12.87 -0.36 0.55
CE MSE A 86 13.21 0.74 -0.72
N GLU A 87 17.27 -0.57 -2.44
CA GLU A 87 18.26 0.44 -2.77
C GLU A 87 18.03 1.07 -4.10
N ARG A 88 18.06 0.21 -5.09
CA ARG A 88 17.73 0.59 -6.46
C ARG A 88 16.43 1.40 -6.72
N LEU A 89 15.30 0.90 -6.23
CA LEU A 89 14.04 1.58 -6.51
C LEU A 89 14.02 2.87 -5.71
N PHE A 90 14.49 2.77 -4.45
CA PHE A 90 14.49 3.94 -3.60
C PHE A 90 15.27 5.06 -4.31
N ASN A 91 16.53 4.78 -4.60
CA ASN A 91 17.40 5.80 -5.19
C ASN A 91 16.88 6.27 -6.57
N GLY A 92 16.29 5.36 -7.39
CA GLY A 92 15.70 5.63 -8.70
C GLY A 92 14.56 6.60 -8.66
N LEU A 93 13.65 6.40 -7.69
CA LEU A 93 12.42 7.17 -7.60
C LEU A 93 12.61 8.47 -6.80
N LYS A 94 13.54 8.47 -5.89
CA LYS A 94 13.71 9.56 -4.98
C LYS A 94 14.21 10.75 -5.70
N ASP A 95 14.79 10.55 -6.87
CA ASP A 95 15.23 11.71 -7.71
C ASP A 95 14.27 12.84 -8.02
N GLU A 96 14.78 14.03 -7.71
CA GLU A 96 14.02 15.23 -7.76
C GLU A 96 12.66 14.92 -7.08
N GLY A 97 12.66 13.91 -6.18
CA GLY A 97 11.45 13.54 -5.49
C GLY A 97 11.36 13.93 -4.05
N ALA A 98 10.13 13.76 -3.55
CA ALA A 98 9.92 13.89 -2.12
C ALA A 98 10.01 12.57 -1.43
N ILE A 99 10.69 12.56 -0.31
CA ILE A 99 10.73 11.48 0.60
C ILE A 99 9.69 11.73 1.64
N LEU A 100 8.61 10.96 1.64
CA LEU A 100 7.56 11.07 2.62
C LEU A 100 7.94 10.31 3.92
N MSE A 101 8.69 9.25 3.73
CA MSE A 101 9.32 8.55 4.76
C MSE A 101 10.50 7.77 4.23
O MSE A 101 10.41 7.09 3.19
CB MSE A 101 8.37 7.57 5.28
CG MSE A 101 9.03 6.66 6.30
SE MSE A 101 7.57 5.43 6.78
CE MSE A 101 5.81 6.89 6.99
N PRO A 102 11.63 7.90 4.91
CA PRO A 102 12.90 7.28 4.41
C PRO A 102 13.04 5.92 4.89
N LYS A 103 14.13 5.27 4.46
CA LYS A 103 14.28 3.85 4.66
C LYS A 103 14.33 3.62 6.18
N THR A 104 13.43 2.76 6.67
CA THR A 104 13.09 2.69 8.06
C THR A 104 12.68 1.28 8.36
N ASN A 105 13.20 0.81 9.47
CA ASN A 105 12.92 -0.54 9.89
C ASN A 105 11.63 -0.50 10.69
N MSE A 106 10.66 -1.15 10.14
CA MSE A 106 9.39 -0.83 10.59
C MSE A 106 8.60 -2.06 10.64
O MSE A 106 8.03 -2.40 9.63
CB MSE A 106 8.71 0.15 9.65
CG MSE A 106 7.31 0.28 10.07
SE MSE A 106 6.47 1.81 9.22
CE MSE A 106 4.70 0.90 7.80
N PRO A 107 8.53 -2.73 11.80
CA PRO A 107 7.77 -3.93 11.88
C PRO A 107 6.31 -3.62 11.44
N PRO A 108 5.64 -4.65 10.84
CA PRO A 108 6.25 -5.98 10.29
C PRO A 108 7.16 -6.05 8.98
N TYR A 109 7.77 -4.93 8.61
CA TYR A 109 8.63 -4.93 7.47
C TYR A 109 10.08 -4.93 7.95
N ARG A 110 10.96 -5.61 7.26
CA ARG A 110 12.38 -5.37 7.52
C ARG A 110 12.72 -3.86 7.24
N GLU A 111 12.12 -3.29 6.23
CA GLU A 111 12.42 -1.93 5.85
C GLU A 111 11.21 -1.38 5.08
N PHE A 112 11.04 -0.09 5.08
CA PHE A 112 9.91 0.45 4.47
C PHE A 112 10.30 1.84 4.10
N ALA A 113 9.81 2.32 2.97
CA ALA A 113 10.04 3.68 2.59
C ALA A 113 8.84 4.19 1.80
N TRP A 114 8.70 5.49 1.79
CA TRP A 114 7.68 6.11 1.10
C TRP A 114 8.20 7.35 0.37
N VAL A 115 8.13 7.27 -0.96
CA VAL A 115 8.69 8.26 -1.87
C VAL A 115 7.65 8.77 -2.89
N GLN A 116 7.55 10.05 -3.01
CA GLN A 116 6.96 10.59 -4.19
C GLN A 116 7.99 10.97 -5.25
N ASP A 117 7.84 10.46 -6.44
CA ASP A 117 8.84 10.73 -7.43
C ASP A 117 8.58 12.11 -8.02
N LYS A 118 9.48 12.50 -8.95
CA LYS A 118 9.51 13.84 -9.50
C LYS A 118 8.27 14.21 -10.19
N PHE A 119 7.54 13.22 -10.66
CA PHE A 119 6.25 13.48 -11.39
C PHE A 119 5.10 13.37 -10.45
N GLY A 120 5.37 13.14 -9.23
CA GLY A 120 4.18 13.09 -8.41
C GLY A 120 3.52 11.79 -8.05
N VAL A 121 3.98 10.64 -8.44
CA VAL A 121 3.34 9.39 -8.09
C VAL A 121 3.98 8.80 -6.82
N SER A 122 3.14 8.31 -5.91
CA SER A 122 3.63 7.78 -4.63
C SER A 122 3.87 6.39 -4.85
N PHE A 123 5.05 5.97 -4.39
CA PHE A 123 5.49 4.58 -4.26
C PHE A 123 5.78 4.26 -2.84
N GLN A 124 5.16 3.19 -2.36
CA GLN A 124 5.55 2.56 -1.06
C GLN A 124 6.37 1.37 -1.37
N LEU A 125 7.55 1.34 -0.70
CA LEU A 125 8.52 0.25 -0.80
C LEU A 125 8.60 -0.55 0.46
N ALA A 126 8.23 -1.80 0.40
CA ALA A 126 8.05 -2.51 1.61
C ALA A 126 8.90 -3.80 1.58
N LEU A 127 9.86 -3.95 2.49
CA LEU A 127 10.62 -5.19 2.53
C LEU A 127 10.09 -6.08 3.60
N PRO A 128 9.43 -7.17 3.28
CA PRO A 128 8.83 -8.06 4.35
C PRO A 128 9.83 -8.72 5.40
N GLU A 129 10.88 -9.37 4.90
CA GLU A 129 11.76 -10.19 5.78
C GLU A 129 11.12 -11.55 6.19
#